data_2XB3
#
_entry.id   2XB3
#
_cell.length_a   64.946
_cell.length_b   64.946
_cell.length_c   81.806
_cell.angle_alpha   90.00
_cell.angle_beta   90.00
_cell.angle_gamma   120.00
#
_symmetry.space_group_name_H-M   'P 32 2 1'
#
loop_
_entity.id
_entity.type
_entity.pdbx_description
1 polymer 'PSBP PROTEIN'
2 non-polymer 'ZINC ION'
3 water water
#
_entity_poly.entity_id   1
_entity_poly.type   'polypeptide(L)'
_entity_poly.pdbx_seq_one_letter_code
;GSSATSGLQAYVDSYDGYEFLYPRGWVQVQVEDPVDVVFHDIIETTENVSVVVNTVASTKSLEELGSPEEVGDRLLRNII
APSESGRSSALIAATSQKADDKTYYILEYAVTLPGDGNTAQQRHNLSSIAVSRGKVYTLSVSAPEERWPKVEDQFKTIVS
SFTVY
;
_entity_poly.pdbx_strand_id   A
#
# COMPACT_ATOMS: atom_id res chain seq x y z
N SER A 6 0.55 1.01 -18.69
CA SER A 6 -0.01 1.49 -19.99
C SER A 6 -0.21 3.03 -20.10
N GLY A 7 -1.17 3.56 -19.33
CA GLY A 7 -1.25 5.01 -19.07
C GLY A 7 -0.65 5.32 -17.72
N LEU A 8 0.42 4.58 -17.37
CA LEU A 8 1.10 4.68 -16.11
C LEU A 8 2.47 5.27 -16.34
N GLN A 9 3.14 5.66 -15.25
CA GLN A 9 4.24 6.61 -15.24
C GLN A 9 5.08 6.16 -14.07
N ALA A 10 6.40 6.19 -14.18
CA ALA A 10 7.26 5.59 -13.17
C ALA A 10 7.57 6.56 -12.04
N TYR A 11 7.55 6.06 -10.82
CA TYR A 11 8.20 6.74 -9.73
C TYR A 11 9.31 5.85 -9.25
N VAL A 12 10.55 6.33 -9.32
CA VAL A 12 11.73 5.54 -8.95
C VAL A 12 12.43 6.32 -7.88
N ASP A 13 12.62 5.68 -6.75
CA ASP A 13 13.17 6.35 -5.58
C ASP A 13 14.41 5.60 -5.17
N SER A 14 15.55 5.91 -5.79
CA SER A 14 16.78 5.19 -5.46
C SER A 14 17.41 5.67 -4.15
N TYR A 15 16.90 6.75 -3.56
CA TYR A 15 17.31 7.13 -2.21
C TYR A 15 16.82 6.09 -1.24
N ASP A 16 15.54 5.73 -1.40
CA ASP A 16 14.81 4.94 -0.39
C ASP A 16 14.69 3.51 -0.77
N GLY A 17 14.84 3.26 -2.05
CA GLY A 17 15.13 1.93 -2.57
C GLY A 17 13.93 1.19 -3.06
N TYR A 18 13.12 1.85 -3.85
CA TYR A 18 11.92 1.24 -4.37
C TYR A 18 11.39 1.99 -5.56
N GLU A 19 10.55 1.33 -6.33
CA GLU A 19 9.82 1.97 -7.41
C GLU A 19 8.40 1.42 -7.54
N PHE A 20 7.57 2.21 -8.22
CA PHE A 20 6.24 1.80 -8.65
C PHE A 20 5.78 2.57 -9.89
N LEU A 21 4.75 2.08 -10.55
CA LEU A 21 4.11 2.80 -11.63
C LEU A 21 2.84 3.39 -11.01
N TYR A 22 2.40 4.53 -11.50
CA TYR A 22 1.14 5.08 -11.06
C TYR A 22 0.53 5.85 -12.19
N PRO A 23 -0.76 6.13 -12.12
CA PRO A 23 -1.41 6.73 -13.24
C PRO A 23 -0.94 8.12 -13.60
N ARG A 24 -1.00 8.39 -14.89
CA ARG A 24 -0.46 9.57 -15.46
C ARG A 24 -1.44 10.68 -15.19
N GLY A 25 -0.96 11.84 -14.75
CA GLY A 25 -1.87 12.88 -14.31
C GLY A 25 -2.23 12.87 -12.84
N TRP A 26 -1.59 12.00 -12.05
CA TRP A 26 -1.63 12.11 -10.59
C TRP A 26 -0.48 13.01 -10.17
N VAL A 27 -0.66 13.68 -9.04
CA VAL A 27 0.34 14.62 -8.58
C VAL A 27 0.64 14.34 -7.14
N GLN A 28 1.83 14.74 -6.74
CA GLN A 28 2.37 14.41 -5.42
C GLN A 28 1.89 15.36 -4.36
N VAL A 29 1.53 14.82 -3.20
CA VAL A 29 1.26 15.63 -2.01
C VAL A 29 2.38 15.37 -1.02
N GLN A 30 2.83 16.40 -0.36
CA GLN A 30 3.98 16.30 0.47
C GLN A 30 3.47 16.06 1.91
N VAL A 31 3.78 14.92 2.49
CA VAL A 31 3.23 14.55 3.80
C VAL A 31 4.33 14.13 4.79
N GLU A 32 3.95 13.87 6.02
CA GLU A 32 4.94 13.58 7.05
C GLU A 32 5.20 12.07 7.30
N ASP A 33 6.37 11.79 7.88
CA ASP A 33 6.79 10.44 8.16
C ASP A 33 5.74 9.72 8.99
N PRO A 34 5.68 8.41 8.88
CA PRO A 34 6.58 7.54 8.11
C PRO A 34 6.24 7.41 6.60
N VAL A 35 5.29 8.24 6.10
CA VAL A 35 4.84 8.15 4.74
C VAL A 35 5.85 8.87 3.87
N ASP A 36 6.34 8.19 2.83
CA ASP A 36 7.46 8.69 2.02
C ASP A 36 6.94 9.45 0.77
N VAL A 37 6.04 8.84 0.03
CA VAL A 37 5.36 9.52 -1.04
C VAL A 37 3.85 9.26 -0.98
N VAL A 38 3.08 10.31 -1.32
CA VAL A 38 1.68 10.20 -1.67
C VAL A 38 1.54 10.87 -3.03
N PHE A 39 0.77 10.24 -3.93
CA PHE A 39 0.34 10.81 -5.17
C PHE A 39 -1.15 10.59 -5.20
N HIS A 40 -1.92 11.54 -5.72
CA HIS A 40 -3.36 11.40 -5.81
C HIS A 40 -3.87 11.99 -7.09
N ASP A 41 -5.12 11.73 -7.39
CA ASP A 41 -5.71 12.19 -8.65
C ASP A 41 -6.03 13.64 -8.48
N ILE A 42 -5.71 14.43 -9.51
CA ILE A 42 -6.10 15.84 -9.57
C ILE A 42 -7.61 16.05 -9.27
N ILE A 43 -8.49 15.29 -9.92
CA ILE A 43 -9.95 15.48 -9.78
C ILE A 43 -10.49 14.76 -8.54
N GLU A 44 -10.23 13.45 -8.52
CA GLU A 44 -10.68 12.55 -7.44
C GLU A 44 -9.57 12.39 -6.41
N THR A 45 -9.34 13.43 -5.63
CA THR A 45 -8.16 13.45 -4.76
C THR A 45 -8.19 12.33 -3.68
N THR A 46 -9.37 11.70 -3.57
CA THR A 46 -9.59 10.45 -2.85
C THR A 46 -8.78 9.30 -3.38
N GLU A 47 -8.76 9.10 -4.70
CA GLU A 47 -7.98 8.03 -5.29
C GLU A 47 -6.47 8.30 -5.17
N ASN A 48 -5.72 7.47 -4.46
CA ASN A 48 -4.27 7.72 -4.29
C ASN A 48 -3.46 6.48 -4.13
N VAL A 49 -2.15 6.65 -4.30
CA VAL A 49 -1.18 5.62 -3.99
C VAL A 49 -0.20 6.20 -2.98
N SER A 50 0.39 5.38 -2.12
CA SER A 50 1.28 5.93 -1.10
C SER A 50 2.26 4.87 -0.63
N VAL A 51 3.49 5.28 -0.32
CA VAL A 51 4.49 4.33 0.20
C VAL A 51 4.92 4.72 1.61
N VAL A 52 4.83 3.77 2.54
CA VAL A 52 5.27 3.94 3.92
C VAL A 52 6.57 3.19 4.13
N VAL A 53 7.49 3.78 4.88
CA VAL A 53 8.74 3.10 5.22
C VAL A 53 8.98 3.18 6.74
N ASN A 54 9.14 2.02 7.38
CA ASN A 54 9.55 1.91 8.80
C ASN A 54 10.80 1.06 8.91
N THR A 55 11.51 1.12 10.04
CA THR A 55 12.73 0.30 10.25
C THR A 55 12.46 -0.91 11.15
N VAL A 56 13.40 -1.89 11.19
CA VAL A 56 13.29 -3.07 12.10
C VAL A 56 14.61 -3.80 12.52
N ALA A 57 14.70 -4.18 13.80
CA ALA A 57 15.90 -4.81 14.36
C ALA A 57 16.10 -6.27 13.95
N SER A 58 16.88 -6.48 12.88
CA SER A 58 17.34 -7.82 12.42
C SER A 58 16.24 -8.70 11.83
N THR A 59 15.03 -8.16 11.73
CA THR A 59 13.97 -8.78 10.94
C THR A 59 14.45 -8.76 9.50
N LYS A 60 15.11 -9.85 9.11
CA LYS A 60 15.70 -9.99 7.79
C LYS A 60 14.60 -10.18 6.72
N SER A 61 13.50 -10.82 7.13
CA SER A 61 12.48 -11.34 6.22
C SER A 61 11.04 -10.97 6.59
N LEU A 62 10.16 -10.98 5.59
CA LEU A 62 8.74 -10.70 5.78
C LEU A 62 8.01 -11.90 6.34
N GLU A 63 8.53 -13.09 6.07
CA GLU A 63 7.92 -14.33 6.56
C GLU A 63 8.03 -14.45 8.08
N GLU A 64 9.04 -13.84 8.67
CA GLU A 64 9.20 -13.90 10.13
C GLU A 64 8.32 -12.88 10.89
N LEU A 65 7.65 -11.99 10.16
CA LEU A 65 6.60 -11.13 10.73
C LEU A 65 5.28 -11.89 10.88
N GLY A 66 5.13 -12.99 10.14
CA GLY A 66 3.94 -13.83 10.20
C GLY A 66 3.47 -14.19 8.80
N SER A 67 2.33 -14.88 8.72
CA SER A 67 1.70 -15.19 7.45
C SER A 67 1.06 -13.91 6.95
N PRO A 68 0.65 -13.88 5.69
CA PRO A 68 0.03 -12.67 5.17
C PRO A 68 -1.26 -12.25 5.89
N GLU A 69 -2.11 -13.21 6.26
CA GLU A 69 -3.28 -12.89 7.07
C GLU A 69 -2.92 -12.29 8.39
N GLU A 70 -1.95 -12.86 9.08
CA GLU A 70 -1.51 -12.34 10.36
C GLU A 70 -0.94 -10.92 10.24
N VAL A 71 -0.16 -10.69 9.19
CA VAL A 71 0.33 -9.36 8.88
C VAL A 71 -0.80 -8.40 8.53
N GLY A 72 -1.70 -8.85 7.68
CA GLY A 72 -2.89 -8.08 7.39
C GLY A 72 -3.58 -7.64 8.66
N ASP A 73 -3.85 -8.58 9.57
CA ASP A 73 -4.58 -8.26 10.77
C ASP A 73 -3.87 -7.14 11.48
N ARG A 74 -2.54 -7.16 11.47
CA ARG A 74 -1.77 -6.22 12.24
C ARG A 74 -1.67 -4.86 11.61
N LEU A 75 -1.44 -4.83 10.32
CA LEU A 75 -1.57 -3.59 9.55
C LEU A 75 -2.88 -2.88 9.85
N LEU A 76 -4.00 -3.58 9.85
CA LEU A 76 -5.28 -2.90 10.09
C LEU A 76 -5.48 -2.52 11.55
N ARG A 77 -5.09 -3.42 12.44
CA ARG A 77 -5.17 -3.22 13.89
C ARG A 77 -4.43 -1.97 14.29
N ASN A 78 -3.18 -1.86 13.81
CA ASN A 78 -2.24 -0.85 14.29
C ASN A 78 -2.12 0.39 13.43
N ILE A 79 -2.15 0.26 12.10
CA ILE A 79 -1.83 1.39 11.24
C ILE A 79 -3.03 1.96 10.50
N ILE A 80 -3.71 1.13 9.70
CA ILE A 80 -4.78 1.66 8.85
C ILE A 80 -6.04 2.06 9.64
N ALA A 81 -6.57 1.21 10.53
CA ALA A 81 -7.76 1.54 11.33
C ALA A 81 -7.52 1.33 12.82
N PRO A 82 -6.74 2.22 13.44
CA PRO A 82 -6.31 2.03 14.80
C PRO A 82 -7.26 2.55 15.82
N SER A 83 -6.99 2.19 17.07
CA SER A 83 -7.50 2.88 18.25
C SER A 83 -9.02 3.06 18.12
N GLU A 84 -9.48 4.31 18.28
CA GLU A 84 -10.71 4.76 17.66
C GLU A 84 -10.20 5.93 16.84
N SER A 85 -10.15 5.73 15.52
CA SER A 85 -9.72 6.78 14.61
C SER A 85 -10.96 7.23 13.85
N GLY A 86 -12.11 7.03 14.49
CA GLY A 86 -13.41 7.04 13.83
C GLY A 86 -13.67 5.69 13.20
N ARG A 87 -12.64 5.15 12.56
CA ARG A 87 -12.82 4.25 11.42
C ARG A 87 -12.83 2.76 11.74
N SER A 88 -13.58 2.03 10.93
CA SER A 88 -13.62 0.57 11.03
C SER A 88 -12.96 -0.01 9.79
N SER A 89 -12.69 -1.30 9.78
CA SER A 89 -12.00 -1.91 8.65
C SER A 89 -12.33 -3.38 8.48
N ALA A 90 -12.03 -3.91 7.30
CA ALA A 90 -12.29 -5.30 7.03
C ALA A 90 -11.21 -5.86 6.16
N LEU A 91 -10.55 -6.92 6.58
CA LEU A 91 -9.58 -7.59 5.72
C LEU A 91 -10.30 -8.55 4.74
N ILE A 92 -10.12 -8.30 3.44
CA ILE A 92 -10.80 -9.09 2.41
C ILE A 92 -9.98 -10.29 1.98
N ALA A 93 -8.76 -10.04 1.58
CA ALA A 93 -7.88 -11.12 1.23
C ALA A 93 -6.46 -10.74 1.54
N ALA A 94 -5.64 -11.77 1.78
CA ALA A 94 -4.20 -11.68 2.12
C ALA A 94 -3.49 -12.81 1.40
N THR A 95 -2.50 -12.48 0.57
CA THR A 95 -1.85 -13.48 -0.28
C THR A 95 -0.37 -13.08 -0.41
N SER A 96 0.46 -13.93 -1.01
CA SER A 96 1.87 -13.60 -1.24
C SER A 96 2.26 -13.80 -2.69
N GLN A 97 3.21 -12.98 -3.13
CA GLN A 97 3.85 -13.09 -4.44
C GLN A 97 5.36 -13.23 -4.20
N LYS A 98 6.11 -13.63 -5.24
CA LYS A 98 7.57 -13.45 -5.30
C LYS A 98 7.97 -12.83 -6.64
N ALA A 99 8.70 -11.72 -6.59
CA ALA A 99 9.27 -11.08 -7.79
C ALA A 99 10.74 -10.75 -7.46
N ASP A 100 11.63 -10.88 -8.45
CA ASP A 100 13.07 -11.12 -8.18
C ASP A 100 13.16 -12.15 -7.03
N ASP A 101 14.07 -11.97 -6.08
CA ASP A 101 14.20 -12.94 -4.98
C ASP A 101 13.48 -12.46 -3.70
N LYS A 102 12.40 -11.67 -3.85
CA LYS A 102 11.70 -11.04 -2.70
C LYS A 102 10.30 -11.56 -2.57
N THR A 103 9.88 -11.84 -1.35
CA THR A 103 8.47 -12.09 -1.11
C THR A 103 7.76 -10.79 -0.80
N TYR A 104 6.69 -10.49 -1.54
CA TYR A 104 5.76 -9.43 -1.15
C TYR A 104 4.52 -10.05 -0.53
N TYR A 105 3.97 -9.43 0.50
CA TYR A 105 2.61 -9.77 0.97
C TYR A 105 1.59 -8.81 0.35
N ILE A 106 0.49 -9.35 -0.16
CA ILE A 106 -0.53 -8.52 -0.83
C ILE A 106 -1.83 -8.60 -0.07
N LEU A 107 -2.33 -7.46 0.34
CA LEU A 107 -3.51 -7.41 1.22
C LEU A 107 -4.59 -6.55 0.60
N GLU A 108 -5.81 -7.03 0.61
CA GLU A 108 -6.98 -6.29 0.15
C GLU A 108 -7.86 -6.05 1.38
N TYR A 109 -8.35 -4.84 1.54
CA TYR A 109 -9.13 -4.50 2.72
C TYR A 109 -10.07 -3.35 2.44
N ALA A 110 -11.15 -3.29 3.21
CA ALA A 110 -12.09 -2.18 3.18
C ALA A 110 -11.90 -1.34 4.42
N VAL A 111 -12.10 -0.05 4.28
CA VAL A 111 -12.04 0.90 5.39
C VAL A 111 -13.25 1.83 5.37
N THR A 112 -14.05 1.86 6.44
CA THR A 112 -15.14 2.88 6.58
C THR A 112 -14.72 3.98 7.54
N LEU A 113 -15.08 5.23 7.25
CA LEU A 113 -14.58 6.41 8.00
C LEU A 113 -15.61 7.53 8.38
N PRO A 114 -16.49 7.26 9.39
CA PRO A 114 -17.27 8.38 10.02
C PRO A 114 -16.36 9.20 10.93
N ALA A 120 -20.40 8.40 6.56
CA ALA A 120 -19.51 7.27 6.26
C ALA A 120 -19.22 7.20 4.77
N GLN A 121 -17.95 7.38 4.40
CA GLN A 121 -17.46 7.06 3.06
C GLN A 121 -16.71 5.74 3.18
N GLN A 122 -17.09 4.72 2.41
CA GLN A 122 -16.35 3.46 2.37
C GLN A 122 -15.25 3.54 1.33
N ARG A 123 -14.09 2.98 1.66
CA ARG A 123 -12.93 2.96 0.76
C ARG A 123 -12.44 1.51 0.51
N HIS A 124 -11.88 1.23 -0.65
CA HIS A 124 -11.35 -0.09 -0.93
C HIS A 124 -9.85 0.00 -1.23
N ASN A 125 -9.05 -0.90 -0.66
CA ASN A 125 -7.61 -0.77 -0.73
C ASN A 125 -6.89 -2.03 -1.07
N LEU A 126 -5.66 -1.85 -1.49
CA LEU A 126 -4.79 -2.95 -1.77
C LEU A 126 -3.40 -2.50 -1.37
N SER A 127 -2.68 -3.33 -0.65
CA SER A 127 -1.34 -2.95 -0.21
C SER A 127 -0.37 -4.06 -0.53
N SER A 128 0.89 -3.69 -0.74
CA SER A 128 1.98 -4.62 -0.88
C SER A 128 3.01 -4.25 0.13
N ILE A 129 3.45 -5.22 0.90
CA ILE A 129 4.44 -5.05 1.96
C ILE A 129 5.58 -5.98 1.63
N ALA A 130 6.80 -5.51 1.81
CA ALA A 130 7.98 -6.33 1.55
C ALA A 130 9.07 -5.80 2.48
N VAL A 131 9.87 -6.67 3.09
CA VAL A 131 11.06 -6.21 3.84
C VAL A 131 12.35 -6.28 3.03
N SER A 132 13.18 -5.26 3.19
CA SER A 132 14.58 -5.29 2.71
C SER A 132 15.41 -4.25 3.46
N ARG A 133 16.63 -4.63 3.84
CA ARG A 133 17.59 -3.69 4.42
C ARG A 133 17.06 -3.10 5.70
N GLY A 134 16.49 -3.96 6.55
CA GLY A 134 16.04 -3.56 7.89
C GLY A 134 14.90 -2.57 7.91
N LYS A 135 14.10 -2.58 6.85
CA LYS A 135 13.00 -1.68 6.71
C LYS A 135 11.81 -2.43 6.11
N VAL A 136 10.61 -2.02 6.48
CA VAL A 136 9.37 -2.58 5.94
C VAL A 136 8.82 -1.54 5.03
N TYR A 137 8.35 -1.95 3.86
CA TYR A 137 7.85 -1.00 2.85
C TYR A 137 6.43 -1.35 2.52
N THR A 138 5.50 -0.41 2.70
CA THR A 138 4.10 -0.65 2.38
C THR A 138 3.60 0.29 1.32
N LEU A 139 3.34 -0.22 0.13
CA LEU A 139 2.66 0.58 -0.87
C LEU A 139 1.21 0.28 -0.72
N SER A 140 0.38 1.28 -0.90
CA SER A 140 -1.05 1.17 -0.66
C SER A 140 -1.69 2.05 -1.68
N VAL A 141 -2.71 1.52 -2.35
CA VAL A 141 -3.55 2.26 -3.27
C VAL A 141 -4.97 2.18 -2.74
N SER A 142 -5.77 3.19 -3.05
CA SER A 142 -7.04 3.34 -2.38
C SER A 142 -8.03 4.13 -3.22
N ALA A 143 -9.28 3.70 -3.22
CA ALA A 143 -10.34 4.32 -4.02
C ALA A 143 -11.63 4.29 -3.21
N PRO A 144 -12.57 5.18 -3.52
CA PRO A 144 -13.90 5.01 -2.94
C PRO A 144 -14.50 3.67 -3.38
N GLU A 145 -15.22 2.97 -2.50
CA GLU A 145 -15.92 1.74 -2.87
C GLU A 145 -16.62 1.86 -4.21
N GLU A 146 -17.29 2.97 -4.43
CA GLU A 146 -18.02 3.10 -5.65
C GLU A 146 -17.15 2.85 -6.87
N ARG A 147 -15.95 3.40 -6.85
CA ARG A 147 -15.04 3.37 -7.97
C ARG A 147 -14.22 2.10 -8.05
N TRP A 148 -14.32 1.20 -7.06
CA TRP A 148 -13.41 0.09 -7.05
C TRP A 148 -13.45 -0.70 -8.35
N PRO A 149 -14.65 -1.21 -8.71
CA PRO A 149 -14.67 -2.04 -9.90
C PRO A 149 -14.03 -1.40 -11.14
N LYS A 150 -14.23 -0.09 -11.33
CA LYS A 150 -13.65 0.62 -12.49
C LYS A 150 -12.12 0.68 -12.40
N VAL A 151 -11.57 0.75 -11.19
CA VAL A 151 -10.13 0.94 -11.02
C VAL A 151 -9.37 -0.36 -10.66
N GLU A 152 -10.11 -1.42 -10.31
CA GLU A 152 -9.53 -2.65 -9.79
C GLU A 152 -8.35 -3.16 -10.60
N ASP A 153 -8.49 -3.26 -11.90
CA ASP A 153 -7.46 -3.89 -12.71
C ASP A 153 -6.25 -2.93 -12.90
N GLN A 154 -6.48 -1.64 -13.00
CA GLN A 154 -5.37 -0.67 -12.98
C GLN A 154 -4.62 -0.67 -11.67
N PHE A 155 -5.37 -0.69 -10.58
CA PHE A 155 -4.82 -0.70 -9.25
C PHE A 155 -4.04 -1.99 -8.93
N LYS A 156 -4.42 -3.12 -9.53
CA LYS A 156 -3.65 -4.34 -9.41
C LYS A 156 -2.35 -4.23 -10.20
N THR A 157 -2.37 -3.54 -11.34
CA THR A 157 -1.11 -3.27 -12.03
C THR A 157 -0.23 -2.37 -11.19
N ILE A 158 -0.79 -1.33 -10.57
CA ILE A 158 0.00 -0.46 -9.68
C ILE A 158 0.61 -1.31 -8.60
N VAL A 159 -0.19 -2.11 -7.90
CA VAL A 159 0.32 -2.82 -6.73
C VAL A 159 1.33 -3.89 -7.11
N SER A 160 1.17 -4.51 -8.26
CA SER A 160 2.14 -5.51 -8.64
C SER A 160 3.39 -4.90 -9.31
N SER A 161 3.38 -3.59 -9.60
CA SER A 161 4.56 -2.91 -10.15
C SER A 161 5.52 -2.50 -9.07
N PHE A 162 5.11 -2.67 -7.82
CA PHE A 162 5.91 -2.33 -6.67
C PHE A 162 7.13 -3.24 -6.60
N THR A 163 8.32 -2.63 -6.63
CA THR A 163 9.59 -3.34 -6.50
C THR A 163 10.42 -2.69 -5.41
N VAL A 164 10.89 -3.49 -4.47
CA VAL A 164 11.81 -3.03 -3.45
C VAL A 164 13.11 -3.72 -3.76
N TYR A 165 14.20 -2.95 -3.68
CA TYR A 165 15.52 -3.49 -4.02
C TYR A 165 16.18 -4.22 -2.85
#